data_7VBW
#
_entry.id   7VBW
#
_cell.length_a   107.574
_cell.length_b   107.574
_cell.length_c   40.436
_cell.angle_alpha   90.000
_cell.angle_beta   90.000
_cell.angle_gamma   120.000
#
_symmetry.space_group_name_H-M   'P 65'
#
loop_
_entity.id
_entity.type
_entity.pdbx_description
1 polymer 'Sigma-54 dependent trancsriptional regulator'
2 non-polymer "GUANOSINE-5'-TRIPHOSPHATE"
3 non-polymer 'MAGNESIUM ION'
4 water water
#
_entity_poly.entity_id   1
_entity_poly.type   'polypeptide(L)'
_entity_poly.pdbx_seq_one_letter_code
;GHMRNTPAIEELDLYVWEGKADIVDRVARCMASFDVEVIRADNAAVSPERAALRRSLAIISVTMIEGGAAFLRDWQANIG
MPVVWVGAARDHDASQYPPEYSHILPLDFTCAELRGMIGKLVTQLRAHAAETLQPSELVAHSESMQALLHEVDTFADCDT
NVLLHGETGVGKERIAQLLHEKHSRYRHGEFVPVNCGAIPDGLFESLFFGHAKGSFTGAVVAHKGYFEQAAGGTLFLDEV
GDLPLYQQVKLLRVLEDGAVLRVGATAPVKVDFRLVAASNKKLPQLVKEGLFRADLYYRLAVIELSIPSLEERGAVDKIA
LFKSFVAQVVGEERLAELSDLPYWLTDSVADSYFPGNVRELRNLAERVGVTVRQTGGWDAARLQRLIAHARSAAQPVPAE
SAAEVFVDRSKWDMNERNRVIAALDANGWRRQDTAQQLGISRKVLWEKMRKYQIFDEEPETRESE
;
_entity_poly.pdbx_strand_id   A
#
# COMPACT_ATOMS: atom_id res chain seq x y z
N HIS A 141 -15.53 -5.66 -10.24
CA HIS A 141 -14.20 -5.20 -10.60
C HIS A 141 -13.94 -5.39 -12.09
N SER A 142 -12.85 -4.80 -12.57
CA SER A 142 -12.42 -4.92 -13.96
C SER A 142 -11.55 -6.16 -14.16
N GLU A 143 -11.09 -6.37 -15.40
CA GLU A 143 -10.25 -7.54 -15.68
C GLU A 143 -8.90 -7.44 -14.99
N SER A 144 -8.33 -6.23 -14.93
CA SER A 144 -7.03 -6.03 -14.30
C SER A 144 -7.06 -6.45 -12.83
N MET A 145 -8.09 -6.02 -12.12
CA MET A 145 -8.20 -6.36 -10.71
C MET A 145 -8.48 -7.84 -10.52
N GLN A 146 -9.31 -8.44 -11.37
CA GLN A 146 -9.60 -9.86 -11.17
C GLN A 146 -8.35 -10.70 -11.39
N ALA A 147 -7.57 -10.40 -12.45
CA ALA A 147 -6.29 -11.06 -12.63
C ALA A 147 -5.37 -10.84 -11.43
N LEU A 148 -5.31 -9.62 -10.92
CA LEU A 148 -4.44 -9.34 -9.77
C LEU A 148 -4.87 -10.14 -8.54
N LEU A 149 -6.16 -10.15 -8.24
CA LEU A 149 -6.61 -10.85 -7.05
C LEU A 149 -6.44 -12.35 -7.22
N HIS A 150 -6.48 -12.83 -8.47
CA HIS A 150 -6.18 -14.23 -8.72
C HIS A 150 -4.72 -14.53 -8.39
N GLU A 151 -3.82 -13.65 -8.82
CA GLU A 151 -2.42 -13.79 -8.42
C GLU A 151 -2.29 -13.84 -6.91
N VAL A 152 -3.00 -12.95 -6.22
CA VAL A 152 -2.93 -12.93 -4.76
C VAL A 152 -3.39 -14.27 -4.18
N ASP A 153 -4.50 -14.80 -4.70
CA ASP A 153 -5.01 -16.10 -4.25
C ASP A 153 -3.97 -17.19 -4.42
N THR A 154 -3.28 -17.16 -5.56
CA THR A 154 -2.25 -18.15 -5.82
C THR A 154 -1.07 -18.03 -4.86
N PHE A 155 -0.60 -16.82 -4.60
CA PHE A 155 0.72 -16.58 -4.03
C PHE A 155 0.70 -16.08 -2.57
N ALA A 156 -0.46 -15.88 -1.97
CA ALA A 156 -0.52 -15.31 -0.62
C ALA A 156 0.10 -16.25 0.41
N ASP A 157 -0.32 -17.53 0.42
CA ASP A 157 -0.04 -18.44 1.53
C ASP A 157 1.26 -19.19 1.28
N CYS A 158 2.38 -18.48 1.46
CA CYS A 158 3.72 -19.05 1.41
C CYS A 158 4.70 -17.98 1.88
N ASP A 159 5.94 -18.39 2.13
CA ASP A 159 6.91 -17.53 2.81
C ASP A 159 7.73 -16.68 1.86
N THR A 160 7.52 -16.78 0.55
CA THR A 160 8.34 -16.08 -0.42
C THR A 160 8.11 -14.58 -0.40
N ASN A 161 9.17 -13.83 -0.66
CA ASN A 161 9.11 -12.37 -0.69
C ASN A 161 8.31 -11.88 -1.89
N VAL A 162 7.57 -10.78 -1.70
CA VAL A 162 6.70 -10.20 -2.72
C VAL A 162 7.15 -8.77 -3.01
N LEU A 163 7.16 -8.40 -4.29
CA LEU A 163 7.41 -7.04 -4.74
C LEU A 163 6.20 -6.53 -5.51
N LEU A 164 5.58 -5.47 -4.99
CA LEU A 164 4.40 -4.85 -5.58
C LEU A 164 4.80 -3.63 -6.40
N HIS A 165 4.24 -3.54 -7.60
CA HIS A 165 4.49 -2.45 -8.52
C HIS A 165 3.22 -1.64 -8.71
N GLY A 166 3.36 -0.33 -8.89
CA GLY A 166 2.21 0.53 -9.08
C GLY A 166 2.41 1.98 -8.72
N GLU A 167 1.65 2.85 -9.37
CA GLU A 167 1.67 4.29 -9.11
C GLU A 167 1.19 4.60 -7.69
N THR A 168 1.44 5.85 -7.29
CA THR A 168 1.05 6.29 -5.94
C THR A 168 -0.47 6.21 -5.78
N GLY A 169 -0.93 5.57 -4.71
CA GLY A 169 -2.35 5.50 -4.40
C GLY A 169 -3.16 4.46 -5.14
N VAL A 170 -2.52 3.51 -5.84
CA VAL A 170 -3.28 2.44 -6.50
C VAL A 170 -3.81 1.42 -5.49
N GLY A 171 -3.30 1.40 -4.26
CA GLY A 171 -3.79 0.47 -3.26
C GLY A 171 -2.80 -0.61 -2.87
N LYS A 172 -1.52 -0.29 -2.91
CA LYS A 172 -0.49 -1.30 -2.68
C LYS A 172 -0.48 -1.78 -1.23
N GLU A 173 -0.67 -0.88 -0.28
CA GLU A 173 -0.76 -1.31 1.11
C GLU A 173 -1.97 -2.21 1.34
N ARG A 174 -3.09 -1.92 0.67
CA ARG A 174 -4.30 -2.76 0.81
C ARG A 174 -3.97 -4.18 0.33
N ILE A 175 -3.27 -4.30 -0.79
CA ILE A 175 -2.87 -5.61 -1.31
C ILE A 175 -1.94 -6.32 -0.34
N ALA A 176 -0.99 -5.58 0.25
CA ALA A 176 -0.09 -6.20 1.22
C ALA A 176 -0.85 -6.69 2.45
N GLN A 177 -1.90 -5.95 2.86
CA GLN A 177 -2.73 -6.39 3.97
C GLN A 177 -3.53 -7.64 3.60
N LEU A 178 -3.95 -7.72 2.34
CA LEU A 178 -4.55 -8.95 1.84
C LEU A 178 -3.59 -10.12 1.96
N LEU A 179 -2.36 -9.95 1.45
CA LEU A 179 -1.38 -11.03 1.51
C LEU A 179 -1.11 -11.44 2.95
N HIS A 180 -1.06 -10.47 3.85
CA HIS A 180 -0.86 -10.75 5.26
C HIS A 180 -1.98 -11.61 5.82
N GLU A 181 -3.23 -11.23 5.56
CA GLU A 181 -4.31 -11.93 6.24
C GLU A 181 -4.71 -13.22 5.54
N LYS A 182 -4.25 -13.44 4.31
CA LYS A 182 -4.42 -14.72 3.64
C LYS A 182 -3.24 -15.66 3.89
N HIS A 183 -2.20 -15.23 4.60
CA HIS A 183 -1.18 -16.17 5.05
C HIS A 183 -1.68 -16.90 6.29
N SER A 184 -1.49 -18.22 6.34
CA SER A 184 -2.09 -19.00 7.41
C SER A 184 -1.34 -18.81 8.73
N ARG A 185 -0.03 -18.63 8.67
CA ARG A 185 0.74 -18.44 9.89
C ARG A 185 0.91 -16.95 10.23
N TYR A 186 1.35 -16.15 9.27
CA TYR A 186 1.69 -14.76 9.55
C TYR A 186 0.47 -13.90 9.84
N ARG A 187 -0.74 -14.37 9.48
CA ARG A 187 -1.95 -13.61 9.79
C ARG A 187 -2.06 -13.29 11.27
N HIS A 188 -1.42 -14.09 12.13
CA HIS A 188 -1.55 -13.93 13.57
C HIS A 188 -0.59 -12.89 14.16
N GLY A 189 0.46 -12.51 13.43
CA GLY A 189 1.31 -11.43 13.86
C GLY A 189 0.76 -10.08 13.42
N GLU A 190 1.55 -9.04 13.72
CA GLU A 190 1.18 -7.68 13.36
C GLU A 190 1.50 -7.40 11.89
N PHE A 191 0.69 -6.54 11.29
CA PHE A 191 1.00 -5.94 10.00
C PHE A 191 1.76 -4.64 10.29
N VAL A 192 3.00 -4.56 9.81
CA VAL A 192 3.88 -3.44 10.14
C VAL A 192 4.23 -2.70 8.86
N PRO A 193 3.57 -1.57 8.60
CA PRO A 193 3.89 -0.75 7.43
C PRO A 193 5.00 0.26 7.68
N VAL A 194 5.86 0.44 6.67
CA VAL A 194 7.04 1.29 6.74
C VAL A 194 7.18 2.06 5.44
N ASN A 195 7.27 3.38 5.52
CA ASN A 195 7.53 4.19 4.31
C ASN A 195 9.02 4.49 4.31
N CYS A 196 9.78 3.84 3.43
CA CYS A 196 11.26 3.98 3.41
C CYS A 196 11.69 5.36 2.91
N GLY A 197 10.75 6.14 2.38
CA GLY A 197 11.05 7.49 1.87
C GLY A 197 10.73 8.60 2.84
N ALA A 198 10.44 8.29 4.01
CA ALA A 198 10.25 9.27 5.06
C ALA A 198 10.97 8.86 6.35
N ILE A 199 12.17 8.28 6.20
CA ILE A 199 13.01 7.91 7.33
C ILE A 199 14.30 8.71 7.23
N PRO A 200 14.58 9.61 8.17
CA PRO A 200 15.85 10.34 8.12
C PRO A 200 17.03 9.47 8.55
N ASP A 201 18.18 9.71 7.91
CA ASP A 201 19.35 8.86 8.12
C ASP A 201 19.73 8.75 9.59
N GLY A 202 19.47 9.79 10.37
CA GLY A 202 19.83 9.76 11.77
C GLY A 202 19.00 8.77 12.57
N LEU A 203 17.80 8.44 12.08
CA LEU A 203 16.90 7.56 12.82
C LEU A 203 16.70 6.19 12.19
N PHE A 204 17.27 5.93 11.01
CA PHE A 204 17.08 4.63 10.38
C PHE A 204 17.45 3.50 11.33
N GLU A 205 18.59 3.64 12.00
CA GLU A 205 19.09 2.58 12.87
C GLU A 205 18.15 2.31 14.03
N SER A 206 17.71 3.37 14.70
CA SER A 206 16.78 3.22 15.81
C SER A 206 15.44 2.66 15.36
N LEU A 207 14.89 3.20 14.26
CA LEU A 207 13.56 2.81 13.79
C LEU A 207 13.52 1.35 13.30
N PHE A 208 14.62 0.85 12.74
CA PHE A 208 14.58 -0.52 12.22
C PHE A 208 15.09 -1.55 13.21
N PHE A 209 16.11 -1.22 14.01
CA PHE A 209 16.74 -2.21 14.86
C PHE A 209 16.39 -2.06 16.33
N GLY A 210 15.85 -0.92 16.73
CA GLY A 210 15.47 -0.72 18.10
C GLY A 210 16.68 -0.45 18.95
N HIS A 211 16.42 -0.47 20.26
CA HIS A 211 17.43 -0.08 21.24
C HIS A 211 17.29 -0.99 22.45
N ALA A 212 18.42 -1.26 23.08
CA ALA A 212 18.45 -2.06 24.31
C ALA A 212 18.29 -1.17 25.53
N ALA A 222 14.38 1.67 25.93
CA ALA A 222 14.25 0.47 25.08
C ALA A 222 13.24 0.74 23.95
N HIS A 223 13.56 0.26 22.75
CA HIS A 223 12.65 0.45 21.59
C HIS A 223 12.61 -0.82 20.76
N LYS A 224 11.42 -1.17 20.27
CA LYS A 224 11.30 -2.33 19.36
C LYS A 224 11.25 -1.81 17.92
N GLY A 225 12.19 -2.24 17.09
CA GLY A 225 12.21 -1.84 15.69
C GLY A 225 11.18 -2.56 14.85
N TYR A 226 11.09 -2.20 13.58
CA TYR A 226 10.06 -2.74 12.66
C TYR A 226 10.21 -4.25 12.46
N PHE A 227 11.45 -4.73 12.38
CA PHE A 227 11.73 -6.16 12.14
C PHE A 227 11.14 -7.00 13.27
N GLU A 228 11.38 -6.55 14.49
CA GLU A 228 10.91 -7.30 15.68
C GLU A 228 9.41 -7.05 15.87
N GLN A 229 8.90 -5.92 15.38
CA GLN A 229 7.46 -5.61 15.48
C GLN A 229 6.71 -6.55 14.53
N ALA A 230 7.34 -6.94 13.43
CA ALA A 230 6.73 -7.82 12.42
C ALA A 230 7.00 -9.30 12.72
N ALA A 231 7.37 -9.61 13.96
CA ALA A 231 7.59 -11.02 14.35
C ALA A 231 6.30 -11.85 14.20
N GLY A 232 6.36 -12.87 13.35
CA GLY A 232 5.19 -13.74 13.13
C GLY A 232 4.18 -13.03 12.26
N GLY A 233 4.59 -11.96 11.59
CA GLY A 233 3.65 -11.16 10.82
C GLY A 233 4.20 -10.74 9.49
N THR A 234 3.79 -9.55 9.04
CA THR A 234 4.19 -9.11 7.68
C THR A 234 4.80 -7.72 7.73
N LEU A 235 5.96 -7.55 7.12
CA LEU A 235 6.59 -6.22 7.02
C LEU A 235 6.28 -5.64 5.63
N PHE A 236 5.62 -4.49 5.58
CA PHE A 236 5.36 -3.80 4.29
C PHE A 236 6.40 -2.69 4.14
N LEU A 237 7.29 -2.85 3.16
CA LEU A 237 8.32 -1.82 2.91
C LEU A 237 7.92 -1.01 1.69
N ASP A 238 7.17 0.07 1.92
CA ASP A 238 6.73 0.97 0.83
C ASP A 238 7.88 1.88 0.42
N GLU A 239 7.96 2.23 -0.86
CA GLU A 239 9.01 3.12 -1.39
C GLU A 239 10.38 2.51 -1.14
N VAL A 240 10.50 1.20 -1.30
CA VAL A 240 11.78 0.56 -0.98
C VAL A 240 12.90 1.12 -1.85
N GLY A 241 12.55 1.59 -3.05
CA GLY A 241 13.55 2.22 -3.91
C GLY A 241 14.13 3.50 -3.36
N ASP A 242 13.48 4.10 -2.36
CA ASP A 242 13.97 5.34 -1.76
C ASP A 242 15.00 5.08 -0.66
N LEU A 243 15.26 3.82 -0.31
CA LEU A 243 16.27 3.51 0.67
C LEU A 243 17.63 3.93 0.14
N PRO A 244 18.47 4.55 0.95
CA PRO A 244 19.88 4.73 0.59
C PRO A 244 20.61 3.39 0.57
N LEU A 245 21.72 3.38 -0.18
CA LEU A 245 22.50 2.16 -0.38
C LEU A 245 22.89 1.49 0.95
N TYR A 246 23.37 2.28 1.92
CA TYR A 246 23.77 1.69 3.20
C TYR A 246 22.60 0.98 3.87
N GLN A 247 21.43 1.61 3.87
CA GLN A 247 20.26 1.00 4.48
C GLN A 247 19.79 -0.21 3.68
N GLN A 248 19.98 -0.19 2.35
CA GLN A 248 19.75 -1.37 1.53
C GLN A 248 20.62 -2.53 1.99
N VAL A 249 21.89 -2.25 2.33
CA VAL A 249 22.81 -3.31 2.75
C VAL A 249 22.43 -3.85 4.14
N LYS A 250 22.09 -2.95 5.08
CA LYS A 250 21.65 -3.44 6.40
C LYS A 250 20.37 -4.28 6.29
N LEU A 251 19.42 -3.85 5.43
CA LEU A 251 18.22 -4.65 5.23
C LEU A 251 18.55 -6.02 4.66
N LEU A 252 19.44 -6.08 3.65
CA LEU A 252 19.74 -7.36 3.03
C LEU A 252 20.47 -8.28 3.99
N ARG A 253 21.28 -7.69 4.88
CA ARG A 253 21.95 -8.51 5.88
C ARG A 253 20.98 -9.04 6.94
N VAL A 254 19.97 -8.26 7.35
CA VAL A 254 18.89 -8.83 8.16
C VAL A 254 18.19 -9.96 7.40
N LEU A 255 17.88 -9.75 6.11
CA LEU A 255 17.15 -10.76 5.34
C LEU A 255 17.95 -12.04 5.15
N GLU A 256 19.27 -11.94 5.05
CA GLU A 256 20.12 -13.10 4.80
C GLU A 256 20.48 -13.84 6.08
N ASP A 257 20.82 -13.13 7.15
CA ASP A 257 21.19 -13.76 8.40
C ASP A 257 19.98 -14.12 9.26
N GLY A 258 18.86 -13.43 9.08
CA GLY A 258 17.67 -13.74 9.85
C GLY A 258 17.75 -13.31 11.29
N ALA A 259 18.31 -12.13 11.57
CA ALA A 259 18.48 -11.65 12.94
C ALA A 259 18.79 -10.17 12.92
N VAL A 260 18.52 -9.51 14.05
CA VAL A 260 18.85 -8.09 14.20
C VAL A 260 19.61 -7.89 15.50
N LEU A 261 20.49 -6.90 15.49
CA LEU A 261 21.14 -6.42 16.70
C LEU A 261 20.43 -5.14 17.14
N ARG A 262 19.71 -5.23 18.26
CA ARG A 262 19.17 -4.01 18.86
C ARG A 262 20.33 -3.09 19.21
N VAL A 263 20.19 -1.80 18.89
CA VAL A 263 21.26 -0.85 19.20
C VAL A 263 21.48 -0.82 20.70
N GLY A 264 22.74 -0.94 21.11
CA GLY A 264 23.09 -1.06 22.50
C GLY A 264 23.08 -2.47 23.05
N ALA A 265 22.94 -3.47 22.20
CA ALA A 265 22.94 -4.87 22.62
C ALA A 265 24.17 -5.58 22.06
N THR A 266 24.48 -6.74 22.64
CA THR A 266 25.60 -7.54 22.18
C THR A 266 25.19 -8.84 21.51
N ALA A 267 23.99 -9.34 21.79
CA ALA A 267 23.51 -10.54 21.13
C ALA A 267 22.45 -10.19 20.11
N PRO A 268 22.58 -10.67 18.87
CA PRO A 268 21.48 -10.55 17.91
C PRO A 268 20.36 -11.52 18.23
N VAL A 269 19.18 -11.16 17.75
CA VAL A 269 17.96 -11.90 18.02
C VAL A 269 17.36 -12.31 16.69
N LYS A 270 16.92 -13.56 16.60
CA LYS A 270 16.31 -14.05 15.38
C LYS A 270 15.02 -13.30 15.08
N VAL A 271 14.67 -13.27 13.80
CA VAL A 271 13.47 -12.59 13.35
C VAL A 271 12.85 -13.40 12.22
N ASP A 272 11.52 -13.50 12.22
CA ASP A 272 10.80 -14.23 11.20
C ASP A 272 9.56 -13.44 10.82
N PHE A 273 9.51 -12.99 9.57
CA PHE A 273 8.38 -12.23 9.04
C PHE A 273 8.26 -12.50 7.56
N ARG A 274 7.10 -12.16 7.01
CA ARG A 274 6.93 -12.22 5.55
C ARG A 274 7.26 -10.82 5.02
N LEU A 275 8.00 -10.75 3.92
CA LEU A 275 8.40 -9.49 3.34
C LEU A 275 7.51 -9.17 2.13
N VAL A 276 6.76 -8.06 2.23
CA VAL A 276 6.11 -7.47 1.07
C VAL A 276 6.75 -6.09 0.91
N ALA A 277 7.46 -5.87 -0.19
CA ALA A 277 7.99 -4.55 -0.53
C ALA A 277 7.23 -3.99 -1.72
N ALA A 278 7.18 -2.66 -1.81
CA ALA A 278 6.48 -1.98 -2.88
C ALA A 278 7.33 -0.85 -3.44
N SER A 279 7.25 -0.64 -4.75
CA SER A 279 7.92 0.50 -5.38
C SER A 279 7.10 1.04 -6.54
N ASN A 280 7.27 2.34 -6.80
CA ASN A 280 6.67 2.99 -7.97
C ASN A 280 7.71 3.36 -9.01
N LYS A 281 8.90 2.75 -8.94
CA LYS A 281 10.01 3.09 -9.81
C LYS A 281 10.44 1.84 -10.55
N LYS A 282 11.22 2.04 -11.61
CA LYS A 282 11.73 0.93 -12.40
C LYS A 282 13.00 0.43 -11.73
N LEU A 283 12.81 -0.45 -10.76
CA LEU A 283 13.96 -0.89 -9.96
C LEU A 283 15.11 -1.47 -10.80
N PRO A 284 14.88 -2.30 -11.83
CA PRO A 284 16.03 -2.82 -12.60
C PRO A 284 16.86 -1.73 -13.23
N GLN A 285 16.21 -0.66 -13.69
CA GLN A 285 16.96 0.44 -14.29
C GLN A 285 17.70 1.24 -13.23
N LEU A 286 17.15 1.32 -12.01
CA LEU A 286 17.92 1.88 -10.90
C LEU A 286 19.14 1.02 -10.58
N VAL A 287 19.03 -0.30 -10.74
CA VAL A 287 20.17 -1.18 -10.50
C VAL A 287 21.24 -0.99 -11.58
N LYS A 288 20.82 -0.84 -12.83
CA LYS A 288 21.79 -0.56 -13.89
C LYS A 288 22.53 0.76 -13.64
N GLU A 289 21.86 1.76 -13.04
CA GLU A 289 22.55 3.00 -12.66
C GLU A 289 23.27 2.92 -11.32
N GLY A 290 23.28 1.76 -10.66
CA GLY A 290 23.84 1.69 -9.33
C GLY A 290 23.16 2.57 -8.29
N LEU A 291 21.85 2.81 -8.44
CA LEU A 291 21.12 3.47 -7.37
C LEU A 291 20.38 2.47 -6.49
N PHE A 292 20.23 1.24 -6.93
CA PHE A 292 19.67 0.17 -6.11
C PHE A 292 20.58 -1.05 -6.22
N ARG A 293 20.82 -1.73 -5.10
CA ARG A 293 21.76 -2.84 -5.04
C ARG A 293 21.19 -4.09 -5.69
N ALA A 294 21.99 -4.76 -6.52
CA ALA A 294 21.48 -5.93 -7.28
C ALA A 294 21.19 -7.10 -6.35
N ASP A 295 21.94 -7.20 -5.27
CA ASP A 295 21.76 -8.32 -4.31
C ASP A 295 20.39 -8.19 -3.66
N LEU A 296 20.06 -7.00 -3.17
CA LEU A 296 18.74 -6.76 -2.54
C LEU A 296 17.67 -6.98 -3.60
N TYR A 297 17.86 -6.45 -4.81
CA TYR A 297 16.79 -6.61 -5.79
C TYR A 297 16.48 -8.08 -6.06
N TYR A 298 17.52 -8.87 -6.35
CA TYR A 298 17.27 -10.27 -6.66
C TYR A 298 16.79 -11.05 -5.45
N ARG A 299 17.01 -10.54 -4.24
CA ARG A 299 16.38 -11.14 -3.06
C ARG A 299 14.92 -10.70 -2.87
N LEU A 300 14.58 -9.47 -3.30
CA LEU A 300 13.21 -8.96 -3.12
C LEU A 300 12.29 -9.43 -4.25
N ALA A 301 12.74 -9.30 -5.50
CA ALA A 301 11.88 -9.42 -6.67
C ALA A 301 11.65 -10.90 -7.04
N VAL A 302 10.90 -11.59 -6.19
CA VAL A 302 10.58 -12.98 -6.50
C VAL A 302 9.14 -13.07 -6.99
N ILE A 303 8.17 -13.04 -6.07
CA ILE A 303 6.77 -12.89 -6.43
C ILE A 303 6.56 -11.43 -6.80
N GLU A 304 6.35 -11.14 -8.07
CA GLU A 304 6.11 -9.78 -8.53
C GLU A 304 4.64 -9.60 -8.90
N LEU A 305 4.01 -8.58 -8.34
CA LEU A 305 2.62 -8.26 -8.62
C LEU A 305 2.54 -6.84 -9.15
N SER A 306 1.71 -6.63 -10.17
CA SER A 306 1.52 -5.33 -10.79
C SER A 306 0.09 -4.85 -10.50
N ILE A 307 -0.04 -3.74 -9.80
CA ILE A 307 -1.35 -3.24 -9.39
C ILE A 307 -1.78 -2.16 -10.37
N PRO A 308 -2.92 -2.31 -11.04
CA PRO A 308 -3.25 -1.41 -12.14
C PRO A 308 -3.70 -0.04 -11.66
N SER A 309 -3.39 0.96 -12.47
CA SER A 309 -3.84 2.30 -12.17
C SER A 309 -5.36 2.39 -12.39
N LEU A 310 -5.94 3.51 -11.95
CA LEU A 310 -7.37 3.74 -12.19
C LEU A 310 -7.65 3.95 -13.67
N GLU A 311 -6.75 4.63 -14.37
CA GLU A 311 -6.93 4.79 -15.81
C GLU A 311 -6.87 3.43 -16.52
N GLU A 312 -6.15 2.45 -15.94
CA GLU A 312 -6.15 1.10 -16.49
C GLU A 312 -7.39 0.33 -16.05
N ARG A 313 -7.91 0.60 -14.85
CA ARG A 313 -9.05 -0.14 -14.36
C ARG A 313 -10.32 0.25 -15.11
N GLY A 314 -10.44 1.51 -15.51
CA GLY A 314 -11.52 1.95 -16.36
C GLY A 314 -12.64 2.65 -15.61
N ALA A 315 -13.63 3.09 -16.40
CA ALA A 315 -14.69 3.97 -15.88
C ALA A 315 -15.67 3.19 -15.01
N VAL A 316 -15.90 1.93 -15.32
CA VAL A 316 -16.89 1.13 -14.56
C VAL A 316 -16.33 0.89 -13.15
N ASP A 317 -15.02 0.68 -13.05
CA ASP A 317 -14.42 0.44 -11.75
C ASP A 317 -14.24 1.75 -10.98
N LYS A 318 -13.87 2.84 -11.67
CA LYS A 318 -13.86 4.16 -11.05
C LYS A 318 -15.19 4.50 -10.41
N ILE A 319 -16.28 4.27 -11.16
CA ILE A 319 -17.60 4.68 -10.68
C ILE A 319 -18.03 3.79 -9.52
N ALA A 320 -17.69 2.49 -9.56
CA ALA A 320 -18.07 1.61 -8.46
C ALA A 320 -17.28 1.93 -7.19
N LEU A 321 -16.01 2.30 -7.33
CA LEU A 321 -15.23 2.70 -6.16
C LEU A 321 -15.79 3.99 -5.57
N PHE A 322 -16.04 4.99 -6.42
CA PHE A 322 -16.66 6.22 -5.99
C PHE A 322 -17.95 5.95 -5.22
N LYS A 323 -18.82 5.10 -5.78
CA LYS A 323 -20.13 4.89 -5.16
C LYS A 323 -20.01 4.18 -3.82
N SER A 324 -19.10 3.20 -3.69
CA SER A 324 -18.99 2.52 -2.41
C SER A 324 -18.36 3.44 -1.35
N PHE A 325 -17.41 4.30 -1.74
CA PHE A 325 -16.84 5.25 -0.78
C PHE A 325 -17.90 6.25 -0.32
N VAL A 326 -18.68 6.80 -1.26
CA VAL A 326 -19.75 7.72 -0.90
C VAL A 326 -20.73 7.04 0.04
N ALA A 327 -21.14 5.80 -0.29
CA ALA A 327 -22.07 5.06 0.54
C ALA A 327 -21.50 4.80 1.92
N GLN A 328 -20.18 4.61 2.01
CA GLN A 328 -19.57 4.40 3.32
C GLN A 328 -19.56 5.69 4.14
N VAL A 329 -19.48 6.84 3.47
CA VAL A 329 -19.45 8.12 4.19
C VAL A 329 -20.86 8.61 4.58
N VAL A 330 -21.87 8.31 3.77
CA VAL A 330 -23.21 8.85 3.99
C VAL A 330 -24.06 7.84 4.73
N GLY A 331 -23.82 6.55 4.48
CA GLY A 331 -24.69 5.50 4.97
C GLY A 331 -25.68 5.08 3.91
N GLU A 332 -25.69 3.79 3.56
CA GLU A 332 -26.56 3.32 2.49
C GLU A 332 -28.03 3.62 2.79
N GLU A 333 -28.41 3.57 4.07
CA GLU A 333 -29.79 3.80 4.45
C GLU A 333 -30.20 5.25 4.25
N ARG A 334 -29.32 6.19 4.59
CA ARG A 334 -29.61 7.60 4.34
C ARG A 334 -29.52 7.92 2.85
N LEU A 335 -28.59 7.29 2.13
CA LEU A 335 -28.57 7.45 0.68
C LEU A 335 -29.88 7.00 0.06
N ALA A 336 -30.48 5.94 0.60
CA ALA A 336 -31.80 5.51 0.14
C ALA A 336 -32.87 6.58 0.33
N GLU A 337 -32.76 7.42 1.35
CA GLU A 337 -33.79 8.40 1.63
C GLU A 337 -33.57 9.74 0.89
N LEU A 338 -32.55 9.82 0.03
CA LEU A 338 -32.22 11.04 -0.69
C LEU A 338 -32.36 10.81 -2.19
N SER A 339 -32.29 11.91 -2.95
CA SER A 339 -32.35 11.81 -4.40
C SER A 339 -31.22 10.92 -4.91
N ASP A 340 -31.38 10.45 -6.15
CA ASP A 340 -30.34 9.64 -6.73
C ASP A 340 -29.06 10.45 -6.90
N LEU A 341 -27.96 9.74 -7.00
CA LEU A 341 -26.69 10.39 -7.27
C LEU A 341 -26.75 11.04 -8.66
N PRO A 342 -26.48 12.34 -8.77
CA PRO A 342 -26.63 13.02 -10.07
C PRO A 342 -25.77 12.40 -11.16
N TYR A 343 -26.32 12.33 -12.38
CA TYR A 343 -25.62 11.67 -13.47
C TYR A 343 -24.37 12.45 -13.90
N TRP A 344 -24.45 13.78 -13.94
CA TRP A 344 -23.26 14.57 -14.25
C TRP A 344 -22.14 14.30 -13.26
N LEU A 345 -22.47 13.90 -12.02
CA LEU A 345 -21.43 13.62 -11.04
C LEU A 345 -20.63 12.37 -11.41
N THR A 346 -21.34 11.26 -11.66
CA THR A 346 -20.65 10.02 -12.03
C THR A 346 -19.96 10.16 -13.38
N ASP A 347 -20.60 10.87 -14.30
CA ASP A 347 -19.97 11.12 -15.60
C ASP A 347 -18.67 11.89 -15.43
N SER A 348 -18.70 12.95 -14.61
CA SER A 348 -17.51 13.73 -14.31
C SER A 348 -16.43 12.87 -13.66
N VAL A 349 -16.82 12.03 -12.70
CA VAL A 349 -15.86 11.14 -12.07
C VAL A 349 -15.21 10.24 -13.11
N ALA A 350 -16.03 9.59 -13.93
CA ALA A 350 -15.51 8.60 -14.88
C ALA A 350 -14.63 9.24 -15.94
N ASP A 351 -14.84 10.50 -16.26
CA ASP A 351 -14.08 11.15 -17.32
C ASP A 351 -12.93 12.00 -16.78
N SER A 352 -12.60 11.86 -15.49
CA SER A 352 -11.53 12.62 -14.86
C SER A 352 -10.29 11.74 -14.66
N TYR A 353 -9.11 12.36 -14.79
CA TYR A 353 -7.85 11.66 -14.56
C TYR A 353 -7.39 11.89 -13.13
N PHE A 354 -7.08 10.81 -12.43
CA PHE A 354 -6.67 10.85 -11.03
C PHE A 354 -5.19 10.50 -10.90
N PRO A 355 -4.30 11.50 -10.86
CA PRO A 355 -2.88 11.20 -10.57
C PRO A 355 -2.70 10.44 -9.28
N GLY A 356 -3.45 10.77 -8.23
CA GLY A 356 -3.43 10.11 -6.95
C GLY A 356 -4.16 8.79 -6.89
N ASN A 357 -4.68 8.34 -8.02
CA ASN A 357 -5.40 7.06 -8.18
C ASN A 357 -6.47 6.91 -7.09
N VAL A 358 -6.53 5.79 -6.37
CA VAL A 358 -7.66 5.53 -5.50
C VAL A 358 -7.60 6.38 -4.23
N ARG A 359 -6.41 6.78 -3.77
CA ARG A 359 -6.34 7.76 -2.66
C ARG A 359 -7.05 9.05 -3.03
N GLU A 360 -6.72 9.61 -4.20
CA GLU A 360 -7.39 10.83 -4.64
C GLU A 360 -8.91 10.62 -4.81
N LEU A 361 -9.30 9.51 -5.43
CA LEU A 361 -10.74 9.25 -5.63
C LEU A 361 -11.48 9.08 -4.30
N ARG A 362 -10.85 8.42 -3.32
CA ARG A 362 -11.48 8.27 -1.99
C ARG A 362 -11.62 9.66 -1.36
N ASN A 363 -10.59 10.51 -1.50
CA ASN A 363 -10.70 11.85 -0.96
C ASN A 363 -11.88 12.59 -1.58
N LEU A 364 -12.07 12.45 -2.89
CA LEU A 364 -13.18 13.16 -3.54
C LEU A 364 -14.52 12.63 -3.05
N ALA A 365 -14.64 11.30 -2.92
CA ALA A 365 -15.88 10.72 -2.40
C ALA A 365 -16.11 11.10 -0.95
N GLU A 366 -15.06 11.30 -0.17
CA GLU A 366 -15.24 11.73 1.23
C GLU A 366 -15.74 13.16 1.30
N ARG A 367 -15.19 14.03 0.46
CA ARG A 367 -15.68 15.40 0.39
C ARG A 367 -17.14 15.44 -0.07
N VAL A 368 -17.47 14.63 -1.09
CA VAL A 368 -18.85 14.55 -1.56
C VAL A 368 -19.76 14.06 -0.44
N GLY A 369 -19.40 12.95 0.20
CA GLY A 369 -20.26 12.36 1.20
C GLY A 369 -20.49 13.27 2.39
N VAL A 370 -19.45 14.03 2.79
CA VAL A 370 -19.57 14.93 3.92
C VAL A 370 -20.44 16.13 3.57
N THR A 371 -20.29 16.66 2.35
CA THR A 371 -21.19 17.70 1.87
C THR A 371 -22.65 17.25 1.92
N VAL A 372 -22.90 16.04 1.41
CA VAL A 372 -24.26 15.47 1.42
C VAL A 372 -24.77 15.31 2.85
N ARG A 373 -23.97 14.65 3.70
CA ARG A 373 -24.31 14.42 5.10
C ARG A 373 -24.63 15.70 5.85
N GLN A 374 -23.91 16.79 5.57
CA GLN A 374 -24.08 18.00 6.36
C GLN A 374 -25.08 18.97 5.75
N THR A 375 -25.45 18.79 4.50
CA THR A 375 -26.49 19.60 3.89
C THR A 375 -27.80 18.87 3.62
N GLY A 376 -27.82 17.53 3.74
CA GLY A 376 -29.04 16.77 3.50
C GLY A 376 -29.49 16.70 2.05
N GLY A 377 -28.55 16.60 1.12
CA GLY A 377 -28.90 16.47 -0.29
C GLY A 377 -27.69 16.79 -1.16
N TRP A 378 -27.94 16.86 -2.46
CA TRP A 378 -26.88 17.04 -3.47
C TRP A 378 -26.91 18.47 -4.00
N ASP A 379 -26.21 19.38 -3.29
CA ASP A 379 -26.08 20.75 -3.75
C ASP A 379 -25.17 20.83 -4.96
N ALA A 380 -25.70 21.31 -6.08
CA ALA A 380 -24.95 21.24 -7.33
C ALA A 380 -23.79 22.24 -7.35
N ALA A 381 -23.94 23.39 -6.68
CA ALA A 381 -22.85 24.36 -6.60
C ALA A 381 -21.73 23.83 -5.72
N ARG A 382 -22.07 23.36 -4.52
CA ARG A 382 -21.07 22.79 -3.62
C ARG A 382 -20.35 21.63 -4.29
N LEU A 383 -21.10 20.68 -4.84
CA LEU A 383 -20.51 19.52 -5.50
C LEU A 383 -19.66 19.95 -6.69
N GLN A 384 -20.14 20.92 -7.47
CA GLN A 384 -19.40 21.33 -8.67
C GLN A 384 -18.05 21.93 -8.30
N ARG A 385 -18.00 22.69 -7.20
CA ARG A 385 -16.72 23.19 -6.70
C ARG A 385 -15.70 22.06 -6.50
N LEU A 386 -16.15 20.87 -6.10
CA LEU A 386 -15.22 19.79 -5.77
C LEU A 386 -14.58 19.12 -6.98
N ILE A 387 -15.14 19.27 -8.19
CA ILE A 387 -14.49 18.75 -9.39
C ILE A 387 -13.54 19.76 -10.04
#